data_6UPI
#
_entry.id   6UPI
#
_cell.length_a   77.370
_cell.length_b   77.370
_cell.length_c   261.973
_cell.angle_alpha   90.000
_cell.angle_beta   90.000
_cell.angle_gamma   120.000
#
_symmetry.space_group_name_H-M   'P 65 2 2'
#
loop_
_entity.id
_entity.type
_entity.pdbx_description
1 polymer 'Mycocyclosin synthase'
2 non-polymer 'PROTOPORPHYRIN IX CONTAINING FE'
3 non-polymer (3S,6S)-3-{[4-(hydroxymethoxy)phenyl]methyl}-6-[(4-hydroxyphenyl)methyl]piperazine-2,5-dione
4 water water
#
_entity_poly.entity_id   1
_entity_poly.type   'polypeptide(L)'
_entity_poly.pdbx_seq_one_letter_code
;TATVLLEVPFSARGDRIPDAVAELRTREPIRKVRTITGAEAWLVSSYALCTQVLEDRRFSMKETAAAGAPRLNALTVPPE
VVNNMGNIADAGLRKAVMKAITPKAPGLEQFLRDTANSLLDNLITEGAPADLRNDFADPLATALHCKVLGIPQEDGPKLF
RSLSIAFMSSADPIPAAKINWDRDIEYMAGILENPNITTGLMGELSRLRKDPAYSHVSDELFATIGVTFFGAGVISTGSF
LTTALISLIQRPQLRNLLHEKPELIPAGVEELLRINLSFADGLPRLATADIQVGDVLVRKGELVLVLLEGANFDPEHFPN
PGSIELDRPNPTSHLAFGRGQHFCPGSALGRRHAQIGIEALLKKMPGVDLAVPIDQLVWRTRFQRRIPERLPVLW
;
_entity_poly.pdbx_strand_id   A
#
loop_
_chem_comp.id
_chem_comp.type
_chem_comp.name
_chem_comp.formula
HEM non-polymer 'PROTOPORPHYRIN IX CONTAINING FE' 'C34 H32 Fe N4 O4'
QFD non-polymer (3S,6S)-3-{[4-(hydroxymethoxy)phenyl]methyl}-6-[(4-hydroxyphenyl)methyl]piperazine-2,5-dione 'C19 H20 N2 O5'
#
# COMPACT_ATOMS: atom_id res chain seq x y z
C THR A 1 21.88 22.30 21.39
N ALA A 2 22.99 22.24 20.66
CA ALA A 2 22.94 21.87 19.25
C ALA A 2 22.07 20.64 19.05
N THR A 3 21.33 20.64 17.94
CA THR A 3 20.46 19.54 17.55
C THR A 3 20.85 19.06 16.16
N VAL A 4 20.62 17.77 15.89
CA VAL A 4 20.86 17.25 14.55
C VAL A 4 19.67 17.59 13.65
N LEU A 5 19.89 17.45 12.35
CA LEU A 5 18.83 17.68 11.37
C LEU A 5 17.65 16.75 11.63
N LEU A 6 16.43 17.28 11.47
CA LEU A 6 15.22 16.51 11.71
C LEU A 6 15.25 15.20 10.92
N GLU A 7 14.97 14.09 11.61
CA GLU A 7 15.02 12.77 10.98
C GLU A 7 13.64 12.24 10.63
N VAL A 8 13.56 11.48 9.55
CA VAL A 8 12.32 10.79 9.15
C VAL A 8 12.54 9.29 9.20
N PRO A 9 11.50 8.48 9.43
CA PRO A 9 10.12 8.87 9.73
C PRO A 9 9.92 9.36 11.16
N PHE A 10 8.79 10.05 11.39
CA PHE A 10 8.52 10.63 12.71
C PHE A 10 8.06 9.60 13.73
N SER A 11 7.14 8.71 13.35
CA SER A 11 6.64 7.70 14.27
C SER A 11 6.09 6.54 13.45
N ALA A 12 6.36 5.31 13.90
CA ALA A 12 5.78 4.12 13.29
C ALA A 12 4.32 3.90 13.70
N ARG A 13 3.79 4.70 14.63
CA ARG A 13 2.39 4.52 15.04
C ARG A 13 1.44 4.90 13.92
N GLY A 14 0.52 4.00 13.59
CA GLY A 14 -0.49 4.27 12.59
C GLY A 14 -1.86 4.64 13.14
N ASP A 15 -1.97 4.91 14.44
CA ASP A 15 -3.24 5.27 15.05
C ASP A 15 -3.35 6.76 15.36
N ARG A 16 -2.31 7.54 15.10
CA ARG A 16 -2.37 8.97 15.32
C ARG A 16 -1.32 9.65 14.45
N ILE A 17 -1.62 10.87 14.00
CA ILE A 17 -0.68 11.64 13.21
C ILE A 17 0.11 12.53 14.17
N PRO A 18 1.43 12.62 14.05
CA PRO A 18 2.19 13.48 14.95
C PRO A 18 1.84 14.95 14.75
N ASP A 19 1.87 15.71 15.86
CA ASP A 19 1.65 17.14 15.76
C ASP A 19 2.68 17.80 14.86
N ALA A 20 3.88 17.22 14.75
CA ALA A 20 4.93 17.78 13.90
C ALA A 20 4.47 17.98 12.46
N VAL A 21 3.58 17.13 11.97
CA VAL A 21 3.20 17.20 10.56
C VAL A 21 2.52 18.54 10.27
N ALA A 22 1.54 18.91 11.09
CA ALA A 22 0.87 20.19 10.87
C ALA A 22 1.82 21.37 11.08
N GLU A 23 2.75 21.25 12.03
CA GLU A 23 3.73 22.32 12.23
C GLU A 23 4.60 22.50 11.01
N LEU A 24 5.14 21.40 10.46
CA LEU A 24 5.92 21.50 9.23
C LEU A 24 5.08 22.07 8.10
N ARG A 25 3.85 21.59 7.95
CA ARG A 25 3.04 22.01 6.81
C ARG A 25 2.80 23.51 6.88
N THR A 26 2.55 24.03 8.08
CA THR A 26 2.25 25.44 8.23
C THR A 26 3.49 26.30 8.01
N ARG A 27 4.63 25.88 8.54
CA ARG A 27 5.83 26.73 8.62
C ARG A 27 6.83 26.48 7.50
N GLU A 28 7.03 25.24 7.08
CA GLU A 28 7.97 24.95 5.98
C GLU A 28 7.51 23.69 5.26
N PRO A 29 6.52 23.82 4.37
CA PRO A 29 5.93 22.66 3.69
C PRO A 29 6.86 21.96 2.73
N ILE A 30 8.03 22.52 2.45
CA ILE A 30 9.15 21.73 1.91
C ILE A 30 10.36 22.05 2.77
N ARG A 31 10.97 21.00 3.33
CA ARG A 31 11.92 21.12 4.43
C ARG A 31 12.95 20.01 4.31
N LYS A 32 14.21 20.32 4.63
CA LYS A 32 15.24 19.31 4.58
C LYS A 32 15.18 18.40 5.79
N VAL A 33 15.40 17.10 5.56
CA VAL A 33 15.38 16.09 6.61
C VAL A 33 16.48 15.08 6.31
N ARG A 34 16.76 14.21 7.28
CA ARG A 34 17.70 13.12 7.12
C ARG A 34 16.97 11.78 7.19
N THR A 35 17.23 10.91 6.22
CA THR A 35 16.62 9.57 6.15
C THR A 35 17.44 8.58 6.96
N ILE A 36 16.90 7.36 7.09
CA ILE A 36 17.59 6.35 7.89
C ILE A 36 18.92 5.95 7.30
N THR A 37 19.17 6.23 6.01
CA THR A 37 20.49 5.90 5.46
C THR A 37 21.54 6.96 5.78
N GLY A 38 21.15 8.09 6.36
CA GLY A 38 22.04 9.21 6.55
C GLY A 38 21.97 10.26 5.45
N ALA A 39 21.26 9.99 4.37
CA ALA A 39 21.15 10.94 3.28
C ALA A 39 20.22 12.08 3.67
N GLU A 40 20.42 13.24 3.04
CA GLU A 40 19.48 14.34 3.17
C GLU A 40 18.41 14.24 2.09
N ALA A 41 17.24 14.79 2.39
CA ALA A 41 16.12 14.76 1.46
C ALA A 41 15.21 15.94 1.74
N TRP A 42 14.41 16.31 0.74
CA TRP A 42 13.36 17.31 0.92
C TRP A 42 12.05 16.61 1.26
N LEU A 43 11.48 16.93 2.43
CA LEU A 43 10.18 16.41 2.85
C LEU A 43 9.10 17.43 2.48
N VAL A 44 8.14 16.99 1.68
CA VAL A 44 7.07 17.84 1.18
C VAL A 44 5.78 17.41 1.86
N SER A 45 5.09 18.37 2.49
CA SER A 45 3.99 18.02 3.39
C SER A 45 2.70 18.82 3.19
N SER A 46 2.60 19.66 2.17
CA SER A 46 1.34 20.31 1.85
C SER A 46 0.68 19.65 0.65
N TYR A 47 -0.65 19.74 0.57
CA TYR A 47 -1.34 19.13 -0.56
C TYR A 47 -0.85 19.73 -1.87
N ALA A 48 -0.72 21.06 -1.93
CA ALA A 48 -0.34 21.74 -3.17
C ALA A 48 1.03 21.27 -3.66
N LEU A 49 2.01 21.23 -2.75
CA LEU A 49 3.37 20.86 -3.17
C LEU A 49 3.50 19.34 -3.39
N CYS A 50 2.78 18.54 -2.61
CA CYS A 50 2.77 17.10 -2.84
C CYS A 50 2.29 16.78 -4.25
N THR A 51 1.20 17.42 -4.66
CA THR A 51 0.64 17.15 -5.98
C THR A 51 1.53 17.68 -7.08
N GLN A 52 2.15 18.84 -6.85
CA GLN A 52 3.11 19.36 -7.84
C GLN A 52 4.21 18.34 -8.09
N VAL A 53 4.80 17.80 -7.02
CA VAL A 53 5.90 16.85 -7.18
C VAL A 53 5.42 15.60 -7.90
N LEU A 54 4.26 15.06 -7.48
CA LEU A 54 3.77 13.82 -8.07
C LEU A 54 3.34 13.99 -9.53
N GLU A 55 2.97 15.20 -9.94
CA GLU A 55 2.53 15.44 -11.30
C GLU A 55 3.65 15.87 -12.23
N ASP A 56 4.90 15.94 -11.76
CA ASP A 56 6.04 16.38 -12.55
C ASP A 56 6.98 15.17 -12.69
N ARG A 57 6.97 14.56 -13.88
CA ARG A 57 7.80 13.39 -14.14
C ARG A 57 9.29 13.68 -14.06
N ARG A 58 9.68 14.96 -14.07
CA ARG A 58 11.08 15.27 -13.82
C ARG A 58 11.50 14.91 -12.40
N PHE A 59 10.54 14.71 -11.51
CA PHE A 59 10.78 14.03 -10.23
C PHE A 59 10.55 12.54 -10.49
N SER A 60 11.62 11.79 -10.67
CA SER A 60 11.54 10.46 -11.28
C SER A 60 11.55 9.37 -10.21
N MET A 61 10.64 8.40 -10.36
CA MET A 61 10.74 7.20 -9.52
C MET A 61 11.91 6.33 -9.96
N LYS A 62 11.99 6.05 -11.27
CA LYS A 62 13.04 5.19 -11.80
C LYS A 62 14.42 5.61 -11.31
N GLU A 63 14.71 6.91 -11.32
CA GLU A 63 16.05 7.37 -11.01
C GLU A 63 16.39 7.29 -9.52
N THR A 64 15.42 7.02 -8.63
CA THR A 64 15.79 6.78 -7.24
C THR A 64 16.70 5.55 -7.10
N ALA A 65 16.72 4.66 -8.08
CA ALA A 65 17.56 3.48 -8.03
C ALA A 65 18.97 3.72 -8.59
N ALA A 66 19.27 4.94 -9.03
CA ALA A 66 20.58 5.19 -9.62
C ALA A 66 21.69 5.02 -8.58
N ALA A 67 22.79 4.39 -8.99
CA ALA A 67 23.93 4.25 -8.10
C ALA A 67 24.40 5.62 -7.61
N GLY A 68 24.73 5.69 -6.32
CA GLY A 68 25.25 6.90 -5.71
C GLY A 68 24.23 7.96 -5.37
N ALA A 69 22.94 7.70 -5.62
CA ALA A 69 21.89 8.65 -5.29
C ALA A 69 21.67 8.70 -3.78
N PRO A 70 21.24 9.83 -3.23
CA PRO A 70 20.74 9.83 -1.84
C PRO A 70 19.53 8.94 -1.75
N ARG A 71 19.49 8.09 -0.71
CA ARG A 71 18.49 7.03 -0.60
C ARG A 71 17.60 7.23 0.62
N LEU A 72 16.29 7.05 0.42
CA LEU A 72 15.37 6.90 1.54
C LEU A 72 15.71 5.65 2.36
N ASN A 73 15.97 4.53 1.68
CA ASN A 73 16.25 3.25 2.29
C ASN A 73 16.95 2.40 1.24
N ALA A 74 17.35 1.19 1.64
CA ALA A 74 18.06 0.31 0.73
C ALA A 74 17.08 -0.42 -0.19
N LEU A 75 17.52 -0.69 -1.41
CA LEU A 75 16.71 -1.50 -2.30
C LEU A 75 16.50 -2.90 -1.72
N THR A 76 15.27 -3.40 -1.82
CA THR A 76 14.98 -4.82 -1.56
C THR A 76 14.64 -5.58 -2.83
N VAL A 77 14.70 -4.92 -3.99
CA VAL A 77 14.45 -5.52 -5.30
C VAL A 77 15.62 -5.14 -6.21
N PRO A 78 15.80 -5.84 -7.33
CA PRO A 78 16.80 -5.39 -8.30
C PRO A 78 16.47 -3.99 -8.80
N PRO A 79 17.49 -3.18 -9.10
CA PRO A 79 17.21 -1.77 -9.42
C PRO A 79 16.26 -1.57 -10.59
N GLU A 80 16.27 -2.46 -11.58
CA GLU A 80 15.35 -2.30 -12.70
C GLU A 80 13.90 -2.44 -12.25
N VAL A 81 13.65 -3.18 -11.17
CA VAL A 81 12.28 -3.39 -10.72
C VAL A 81 11.69 -2.12 -10.09
N VAL A 82 12.52 -1.14 -9.72
CA VAL A 82 11.97 0.14 -9.29
C VAL A 82 11.18 0.77 -10.44
N ASN A 83 11.54 0.46 -11.69
CA ASN A 83 10.78 0.92 -12.86
C ASN A 83 9.74 -0.10 -13.30
N ASN A 84 9.20 -0.90 -12.39
CA ASN A 84 8.35 -2.04 -12.73
C ASN A 84 7.22 -1.67 -13.69
N MET A 85 6.39 -0.68 -13.31
CA MET A 85 5.25 -0.37 -14.15
C MET A 85 5.69 0.17 -15.50
N GLY A 86 6.76 0.96 -15.51
CA GLY A 86 7.37 1.38 -16.78
C GLY A 86 7.77 0.20 -17.65
N ASN A 87 8.39 -0.82 -17.05
CA ASN A 87 8.78 -2.00 -17.82
C ASN A 87 7.55 -2.73 -18.37
N ILE A 88 6.51 -2.84 -17.55
CA ILE A 88 5.26 -3.45 -18.00
C ILE A 88 4.67 -2.66 -19.17
N ALA A 89 4.65 -1.32 -19.05
CA ALA A 89 4.09 -0.51 -20.14
C ALA A 89 4.94 -0.62 -21.41
N ASP A 90 6.27 -0.57 -21.28
CA ASP A 90 7.15 -0.73 -22.44
C ASP A 90 6.95 -2.09 -23.10
N ALA A 91 6.60 -3.13 -22.33
CA ALA A 91 6.38 -4.46 -22.88
C ALA A 91 5.04 -4.60 -23.60
N GLY A 92 4.19 -3.57 -23.56
CA GLY A 92 2.87 -3.66 -24.13
C GLY A 92 1.87 -4.41 -23.28
N LEU A 93 2.14 -4.57 -21.98
CA LEU A 93 1.34 -5.40 -21.09
C LEU A 93 0.45 -4.60 -20.14
N ARG A 94 0.47 -3.26 -20.19
CA ARG A 94 -0.25 -2.46 -19.20
C ARG A 94 -1.76 -2.75 -19.22
N LYS A 95 -2.37 -2.74 -20.40
CA LYS A 95 -3.81 -2.98 -20.47
C LYS A 95 -4.17 -4.37 -19.96
N ALA A 96 -3.40 -5.39 -20.34
CA ALA A 96 -3.73 -6.74 -19.90
C ALA A 96 -3.58 -6.89 -18.39
N VAL A 97 -2.51 -6.31 -17.81
CA VAL A 97 -2.33 -6.41 -16.37
C VAL A 97 -3.46 -5.71 -15.64
N MET A 98 -3.81 -4.50 -16.07
CA MET A 98 -4.85 -3.77 -15.38
C MET A 98 -6.19 -4.45 -15.51
N LYS A 99 -6.49 -5.03 -16.68
CA LYS A 99 -7.75 -5.76 -16.83
C LYS A 99 -7.81 -6.96 -15.90
N ALA A 100 -6.67 -7.60 -15.63
CA ALA A 100 -6.68 -8.77 -14.77
C ALA A 100 -6.88 -8.44 -13.29
N ILE A 101 -6.64 -7.21 -12.87
CA ILE A 101 -6.69 -6.89 -11.45
C ILE A 101 -7.91 -6.01 -11.11
N THR A 102 -8.89 -5.93 -12.00
CA THR A 102 -10.10 -5.22 -11.65
C THR A 102 -10.99 -6.08 -10.75
N PRO A 103 -11.72 -5.46 -9.81
CA PRO A 103 -12.65 -6.25 -8.97
C PRO A 103 -13.91 -6.69 -9.70
N LYS A 104 -14.10 -6.26 -10.94
CA LYS A 104 -15.31 -6.56 -11.70
C LYS A 104 -15.29 -7.93 -12.37
N ALA A 105 -14.20 -8.69 -12.23
CA ALA A 105 -14.16 -10.03 -12.80
C ALA A 105 -15.31 -10.86 -12.26
N PRO A 106 -15.88 -11.75 -13.08
CA PRO A 106 -17.04 -12.53 -12.64
C PRO A 106 -16.72 -13.39 -11.42
N GLY A 107 -17.54 -13.23 -10.38
CA GLY A 107 -17.38 -14.01 -9.17
C GLY A 107 -16.27 -13.56 -8.24
N LEU A 108 -15.54 -12.50 -8.57
CA LEU A 108 -14.46 -12.05 -7.70
C LEU A 108 -15.00 -11.44 -6.41
N GLU A 109 -16.02 -10.58 -6.53
CA GLU A 109 -16.60 -9.99 -5.32
C GLU A 109 -17.27 -11.04 -4.45
N GLN A 110 -17.91 -12.04 -5.07
CA GLN A 110 -18.53 -13.10 -4.27
C GLN A 110 -17.47 -13.96 -3.60
N PHE A 111 -16.34 -14.19 -4.26
CA PHE A 111 -15.23 -14.89 -3.62
C PHE A 111 -14.74 -14.11 -2.41
N LEU A 112 -14.57 -12.80 -2.57
CA LEU A 112 -14.14 -11.94 -1.47
C LEU A 112 -15.12 -12.03 -0.31
N ARG A 113 -16.41 -11.95 -0.60
CA ARG A 113 -17.42 -12.02 0.46
C ARG A 113 -17.41 -13.37 1.16
N ASP A 114 -17.39 -14.46 0.38
CA ASP A 114 -17.34 -15.80 0.97
C ASP A 114 -16.10 -15.98 1.83
N THR A 115 -14.94 -15.50 1.33
CA THR A 115 -13.71 -15.70 2.07
C THR A 115 -13.73 -14.92 3.38
N ALA A 116 -14.19 -13.66 3.34
CA ALA A 116 -14.30 -12.86 4.55
C ALA A 116 -15.27 -13.49 5.55
N ASN A 117 -16.43 -13.94 5.06
CA ASN A 117 -17.41 -14.58 5.94
C ASN A 117 -16.83 -15.84 6.58
N SER A 118 -16.09 -16.63 5.79
CA SER A 118 -15.51 -17.85 6.34
C SER A 118 -14.47 -17.55 7.40
N LEU A 119 -13.58 -16.58 7.13
CA LEU A 119 -12.60 -16.18 8.13
C LEU A 119 -13.27 -15.72 9.41
N LEU A 120 -14.33 -14.92 9.29
CA LEU A 120 -15.00 -14.40 10.49
C LEU A 120 -15.74 -15.51 11.23
N ASP A 121 -16.39 -16.42 10.51
CA ASP A 121 -17.03 -17.55 11.19
C ASP A 121 -16.03 -18.30 12.04
N ASN A 122 -14.85 -18.57 11.48
CA ASN A 122 -13.82 -19.30 12.22
C ASN A 122 -13.41 -18.57 13.48
N LEU A 123 -13.30 -17.24 13.43
CA LEU A 123 -12.95 -16.47 14.62
C LEU A 123 -14.05 -16.55 15.67
N ILE A 124 -15.30 -16.44 15.23
CA ILE A 124 -16.43 -16.52 16.16
C ILE A 124 -16.47 -17.89 16.83
N THR A 125 -16.17 -18.94 16.06
CA THR A 125 -16.16 -20.29 16.62
C THR A 125 -15.05 -20.46 17.65
N GLU A 126 -13.88 -19.86 17.39
CA GLU A 126 -12.78 -19.99 18.33
C GLU A 126 -12.99 -19.14 19.58
N GLY A 127 -13.76 -18.08 19.49
CA GLY A 127 -14.07 -17.21 20.62
C GLY A 127 -13.05 -16.11 20.82
N ALA A 128 -13.54 -15.01 21.40
CA ALA A 128 -12.69 -13.84 21.61
C ALA A 128 -11.59 -14.13 22.65
N PRO A 129 -10.43 -13.48 22.56
CA PRO A 129 -10.07 -12.45 21.56
C PRO A 129 -9.66 -13.02 20.21
N ALA A 130 -9.86 -12.23 19.17
CA ALA A 130 -9.46 -12.58 17.81
C ALA A 130 -8.48 -11.54 17.31
N ASP A 131 -7.54 -11.99 16.48
CA ASP A 131 -6.51 -11.14 15.89
C ASP A 131 -6.96 -10.79 14.47
N LEU A 132 -7.44 -9.56 14.31
CA LEU A 132 -7.99 -9.14 13.01
C LEU A 132 -6.91 -8.89 11.96
N ARG A 133 -5.63 -8.81 12.32
CA ARG A 133 -4.64 -8.72 11.26
C ARG A 133 -4.23 -10.10 10.75
N ASN A 134 -3.71 -10.93 11.65
CA ASN A 134 -3.15 -12.19 11.20
C ASN A 134 -4.21 -13.21 10.84
N ASP A 135 -5.41 -13.10 11.40
CA ASP A 135 -6.45 -14.08 11.12
C ASP A 135 -7.64 -13.48 10.39
N PHE A 136 -7.54 -12.26 9.87
CA PHE A 136 -8.60 -11.72 9.02
C PHE A 136 -8.05 -10.90 7.86
N ALA A 137 -7.52 -9.70 8.15
CA ALA A 137 -7.18 -8.78 7.07
C ALA A 137 -6.11 -9.36 6.16
N ASP A 138 -5.04 -9.92 6.74
CA ASP A 138 -3.96 -10.44 5.89
C ASP A 138 -4.38 -11.71 5.16
N PRO A 139 -5.00 -12.71 5.79
CA PRO A 139 -5.48 -13.86 5.00
C PRO A 139 -6.45 -13.46 3.91
N LEU A 140 -7.34 -12.49 4.18
CA LEU A 140 -8.25 -12.02 3.15
C LEU A 140 -7.48 -11.42 1.98
N ALA A 141 -6.46 -10.61 2.28
CA ALA A 141 -5.62 -10.06 1.22
C ALA A 141 -4.89 -11.15 0.46
N THR A 142 -4.33 -12.12 1.18
CA THR A 142 -3.59 -13.20 0.53
C THR A 142 -4.49 -14.04 -0.37
N ALA A 143 -5.66 -14.44 0.15
CA ALA A 143 -6.62 -15.20 -0.66
C ALA A 143 -7.05 -14.42 -1.91
N LEU A 144 -7.36 -13.13 -1.75
CA LEU A 144 -7.76 -12.33 -2.90
C LEU A 144 -6.69 -12.32 -3.97
N HIS A 145 -5.43 -12.13 -3.59
CA HIS A 145 -4.41 -12.01 -4.63
C HIS A 145 -4.04 -13.34 -5.24
N CYS A 146 -4.20 -14.44 -4.48
CA CYS A 146 -4.03 -15.75 -5.11
C CYS A 146 -5.09 -15.96 -6.19
N LYS A 147 -6.34 -15.59 -5.90
CA LYS A 147 -7.41 -15.70 -6.90
C LYS A 147 -7.14 -14.80 -8.09
N VAL A 148 -6.75 -13.55 -7.84
CA VAL A 148 -6.52 -12.59 -8.93
C VAL A 148 -5.37 -13.06 -9.80
N LEU A 149 -4.33 -13.64 -9.20
CA LEU A 149 -3.20 -14.15 -9.97
C LEU A 149 -3.49 -15.49 -10.64
N GLY A 150 -4.48 -16.22 -10.15
CA GLY A 150 -4.74 -17.54 -10.70
C GLY A 150 -3.88 -18.63 -10.14
N ILE A 151 -3.26 -18.42 -8.98
CA ILE A 151 -2.34 -19.41 -8.41
C ILE A 151 -3.03 -20.11 -7.24
N PRO A 152 -2.59 -21.31 -6.86
CA PRO A 152 -3.33 -22.07 -5.84
C PRO A 152 -3.36 -21.34 -4.50
N GLN A 153 -4.52 -21.41 -3.84
CA GLN A 153 -4.68 -20.77 -2.54
C GLN A 153 -3.66 -21.30 -1.53
N GLU A 154 -3.27 -22.57 -1.66
CA GLU A 154 -2.34 -23.19 -0.71
C GLU A 154 -0.93 -22.62 -0.84
N ASP A 155 -0.62 -21.92 -1.94
CA ASP A 155 0.68 -21.31 -2.15
C ASP A 155 0.79 -19.92 -1.53
N GLY A 156 -0.34 -19.30 -1.20
CA GLY A 156 -0.39 -17.96 -0.65
C GLY A 156 0.42 -17.74 0.63
N PRO A 157 0.22 -18.60 1.63
CA PRO A 157 0.90 -18.36 2.92
C PRO A 157 2.41 -18.28 2.81
N LYS A 158 3.04 -19.14 2.00
CA LYS A 158 4.50 -19.07 1.87
C LYS A 158 4.92 -17.79 1.15
N LEU A 159 4.20 -17.41 0.11
CA LEU A 159 4.50 -16.17 -0.59
C LEU A 159 4.32 -14.98 0.34
N PHE A 160 3.28 -15.03 1.17
CA PHE A 160 3.02 -13.95 2.12
C PHE A 160 4.17 -13.77 3.12
N ARG A 161 4.79 -14.88 3.53
CA ARG A 161 5.79 -14.78 4.58
C ARG A 161 7.10 -14.16 4.09
N SER A 162 7.26 -13.93 2.79
CA SER A 162 8.36 -13.07 2.34
C SER A 162 8.14 -11.61 2.69
N LEU A 163 6.92 -11.19 2.99
CA LEU A 163 6.60 -9.76 2.93
C LEU A 163 7.10 -8.99 4.16
N SER A 164 7.22 -9.63 5.32
CA SER A 164 7.74 -8.92 6.49
C SER A 164 9.19 -8.49 6.30
N ILE A 165 9.88 -9.06 5.32
CA ILE A 165 11.23 -8.67 4.96
C ILE A 165 11.25 -7.88 3.65
N ALA A 166 10.46 -8.31 2.65
CA ALA A 166 10.47 -7.65 1.34
C ALA A 166 10.12 -6.17 1.45
N PHE A 167 9.22 -5.82 2.37
CA PHE A 167 8.81 -4.42 2.51
C PHE A 167 9.43 -3.74 3.71
N MET A 168 10.58 -4.24 4.18
CA MET A 168 11.36 -3.50 5.16
C MET A 168 11.86 -2.18 4.58
N SER A 169 12.00 -1.20 5.46
CA SER A 169 12.54 0.10 5.10
C SER A 169 13.84 0.22 5.90
N SER A 170 14.95 -0.25 5.31
CA SER A 170 16.20 -0.53 6.00
C SER A 170 17.28 0.45 5.55
N ALA A 171 18.21 0.78 6.45
CA ALA A 171 19.33 1.61 6.03
C ALA A 171 20.28 0.85 5.12
N ASP A 172 20.25 -0.48 5.17
CA ASP A 172 21.25 -1.30 4.51
C ASP A 172 20.59 -2.46 3.77
N PRO A 173 21.24 -2.97 2.72
CA PRO A 173 20.71 -4.14 2.01
C PRO A 173 20.42 -5.28 2.97
N ILE A 174 19.44 -6.09 2.60
CA ILE A 174 18.91 -7.18 3.43
C ILE A 174 19.16 -8.52 2.76
N PRO A 175 20.09 -9.35 3.27
CA PRO A 175 20.37 -10.64 2.59
C PRO A 175 19.13 -11.52 2.42
N ALA A 176 18.28 -11.59 3.44
CA ALA A 176 17.06 -12.41 3.33
C ALA A 176 16.16 -11.93 2.20
N ALA A 177 16.15 -10.63 1.91
CA ALA A 177 15.30 -10.14 0.83
C ALA A 177 15.68 -10.77 -0.49
N LYS A 178 16.99 -10.87 -0.77
CA LYS A 178 17.43 -11.49 -2.02
C LYS A 178 17.14 -12.99 -2.04
N ILE A 179 17.33 -13.68 -0.90
CA ILE A 179 17.00 -15.11 -0.86
C ILE A 179 15.53 -15.33 -1.21
N ASN A 180 14.64 -14.57 -0.57
CA ASN A 180 13.20 -14.72 -0.81
C ASN A 180 12.82 -14.27 -2.20
N TRP A 181 13.40 -13.15 -2.67
CA TRP A 181 13.12 -12.66 -4.01
C TRP A 181 13.45 -13.71 -5.05
N ASP A 182 14.66 -14.27 -5.00
CA ASP A 182 15.06 -15.23 -6.02
C ASP A 182 14.18 -16.47 -5.97
N ARG A 183 13.81 -16.90 -4.77
CA ARG A 183 12.95 -18.07 -4.61
C ARG A 183 11.55 -17.80 -5.12
N ASP A 184 11.02 -16.61 -4.87
CA ASP A 184 9.67 -16.28 -5.30
C ASP A 184 9.61 -16.11 -6.82
N ILE A 185 10.68 -15.56 -7.40
CA ILE A 185 10.80 -15.46 -8.86
C ILE A 185 10.81 -16.84 -9.49
N GLU A 186 11.57 -17.77 -8.91
CA GLU A 186 11.60 -19.14 -9.43
C GLU A 186 10.23 -19.77 -9.37
N TYR A 187 9.49 -19.52 -8.28
CA TYR A 187 8.13 -20.02 -8.17
C TYR A 187 7.26 -19.48 -9.30
N MET A 188 7.27 -18.16 -9.50
CA MET A 188 6.44 -17.57 -10.56
C MET A 188 6.89 -18.04 -11.94
N ALA A 189 8.19 -18.26 -12.14
CA ALA A 189 8.63 -18.81 -13.42
C ALA A 189 8.08 -20.23 -13.61
N GLY A 190 7.98 -21.00 -12.53
CA GLY A 190 7.33 -22.30 -12.61
C GLY A 190 5.86 -22.19 -12.92
N ILE A 191 5.20 -21.17 -12.36
CA ILE A 191 3.78 -20.94 -12.63
C ILE A 191 3.55 -20.73 -14.12
N LEU A 192 4.46 -20.00 -14.78
CA LEU A 192 4.28 -19.70 -16.20
C LEU A 192 4.41 -20.94 -17.07
N GLU A 193 5.17 -21.93 -16.62
CA GLU A 193 5.32 -23.19 -17.33
C GLU A 193 4.34 -24.25 -16.84
N ASN A 194 3.46 -23.90 -15.89
CA ASN A 194 2.52 -24.84 -15.30
C ASN A 194 1.24 -24.88 -16.12
N PRO A 195 0.89 -26.00 -16.76
CA PRO A 195 -0.31 -26.03 -17.61
C PRO A 195 -1.62 -25.88 -16.83
N ASN A 196 -1.61 -26.09 -15.52
CA ASN A 196 -2.83 -25.92 -14.75
C ASN A 196 -3.20 -24.47 -14.50
N ILE A 197 -2.30 -23.54 -14.77
CA ILE A 197 -2.51 -22.13 -14.44
C ILE A 197 -3.02 -21.43 -15.69
N THR A 198 -4.36 -21.30 -15.79
CA THR A 198 -5.00 -20.78 -16.96
C THR A 198 -5.94 -19.60 -16.69
N THR A 199 -6.13 -19.20 -15.43
CA THR A 199 -7.00 -18.09 -15.08
C THR A 199 -6.19 -16.97 -14.44
N GLY A 200 -6.85 -15.82 -14.28
CA GLY A 200 -6.23 -14.70 -13.57
C GLY A 200 -5.05 -14.09 -14.30
N LEU A 201 -4.28 -13.29 -13.55
CA LEU A 201 -3.16 -12.57 -14.13
C LEU A 201 -2.08 -13.52 -14.63
N MET A 202 -1.72 -14.54 -13.84
CA MET A 202 -0.65 -15.41 -14.31
C MET A 202 -1.12 -16.30 -15.47
N GLY A 203 -2.40 -16.67 -15.49
CA GLY A 203 -2.93 -17.37 -16.66
C GLY A 203 -2.86 -16.53 -17.92
N GLU A 204 -3.22 -15.24 -17.83
CA GLU A 204 -3.14 -14.37 -19.00
C GLU A 204 -1.69 -14.13 -19.41
N LEU A 205 -0.78 -13.89 -18.46
CA LEU A 205 0.62 -13.74 -18.82
C LEU A 205 1.18 -15.00 -19.45
N SER A 206 0.75 -16.17 -18.98
CA SER A 206 1.27 -17.42 -19.53
C SER A 206 0.91 -17.56 -21.00
N ARG A 207 -0.30 -17.11 -21.38
CA ARG A 207 -0.72 -17.14 -22.78
C ARG A 207 0.00 -16.06 -23.59
N LEU A 208 0.10 -14.85 -23.06
CA LEU A 208 0.77 -13.79 -23.82
C LEU A 208 2.22 -14.15 -24.07
N ARG A 209 2.86 -14.86 -23.12
CA ARG A 209 4.24 -15.28 -23.26
C ARG A 209 4.48 -16.11 -24.52
N LYS A 210 3.49 -16.92 -24.92
CA LYS A 210 3.60 -17.75 -26.11
C LYS A 210 3.00 -17.10 -27.35
N ASP A 211 2.48 -15.90 -27.22
CA ASP A 211 1.89 -15.14 -28.33
C ASP A 211 3.01 -14.43 -29.09
N PRO A 212 3.04 -14.53 -30.42
CA PRO A 212 4.16 -13.94 -31.19
C PRO A 212 4.32 -12.45 -30.99
N ALA A 213 3.24 -11.75 -30.64
CA ALA A 213 3.33 -10.30 -30.43
C ALA A 213 4.09 -9.95 -29.15
N TYR A 214 4.40 -10.93 -28.30
CA TYR A 214 5.12 -10.70 -27.05
C TYR A 214 6.35 -11.60 -26.94
N SER A 215 6.77 -12.21 -28.06
CA SER A 215 7.93 -13.10 -28.03
C SER A 215 9.20 -12.37 -27.59
N HIS A 216 9.22 -11.05 -27.70
CA HIS A 216 10.37 -10.25 -27.30
C HIS A 216 10.39 -9.92 -25.81
N VAL A 217 9.27 -10.13 -25.11
CA VAL A 217 9.23 -9.81 -23.68
C VAL A 217 9.97 -10.90 -22.89
N SER A 218 10.79 -10.48 -21.94
CA SER A 218 11.65 -11.44 -21.26
C SER A 218 10.87 -12.25 -20.24
N ASP A 219 11.28 -13.51 -20.08
CA ASP A 219 10.77 -14.34 -19.00
C ASP A 219 11.01 -13.73 -17.64
N GLU A 220 12.09 -12.95 -17.51
CA GLU A 220 12.36 -12.19 -16.29
C GLU A 220 11.18 -11.31 -15.93
N LEU A 221 10.71 -10.51 -16.89
CA LEU A 221 9.63 -9.59 -16.60
C LEU A 221 8.34 -10.33 -16.26
N PHE A 222 8.03 -11.39 -17.00
CA PHE A 222 6.79 -12.11 -16.74
C PHE A 222 6.73 -12.61 -15.30
N ALA A 223 7.83 -13.20 -14.81
CA ALA A 223 7.88 -13.68 -13.44
C ALA A 223 7.84 -12.52 -12.45
N THR A 224 8.53 -11.42 -12.79
CA THR A 224 8.59 -10.26 -11.91
C THR A 224 7.20 -9.66 -11.69
N ILE A 225 6.37 -9.60 -12.75
CA ILE A 225 5.02 -9.09 -12.58
C ILE A 225 4.25 -9.90 -11.53
N GLY A 226 4.38 -11.23 -11.56
CA GLY A 226 3.69 -12.04 -10.56
C GLY A 226 4.16 -11.75 -9.14
N VAL A 227 5.47 -11.72 -8.93
CA VAL A 227 6.00 -11.49 -7.58
C VAL A 227 5.62 -10.09 -7.10
N THR A 228 5.80 -9.09 -7.97
CA THR A 228 5.59 -7.70 -7.54
C THR A 228 4.11 -7.40 -7.32
N PHE A 229 3.23 -7.93 -8.17
CA PHE A 229 1.83 -7.61 -7.95
C PHE A 229 1.28 -8.39 -6.77
N PHE A 230 1.75 -9.62 -6.54
CA PHE A 230 1.38 -10.28 -5.29
C PHE A 230 1.85 -9.47 -4.08
N GLY A 231 3.12 -9.09 -4.08
CA GLY A 231 3.70 -8.46 -2.90
C GLY A 231 3.10 -7.10 -2.62
N ALA A 232 3.10 -6.22 -3.63
CA ALA A 232 2.57 -4.88 -3.44
C ALA A 232 1.08 -4.91 -3.13
N GLY A 233 0.32 -5.77 -3.82
CA GLY A 233 -1.11 -5.83 -3.57
C GLY A 233 -1.43 -6.36 -2.19
N VAL A 234 -0.75 -7.44 -1.78
CA VAL A 234 -1.06 -8.05 -0.49
C VAL A 234 -0.62 -7.15 0.66
N ILE A 235 0.58 -6.60 0.58
CA ILE A 235 1.00 -5.75 1.71
C ILE A 235 0.18 -4.45 1.76
N SER A 236 -0.27 -3.92 0.61
CA SER A 236 -0.99 -2.64 0.66
C SER A 236 -2.43 -2.83 1.09
N THR A 237 -3.14 -3.82 0.53
CA THR A 237 -4.51 -4.06 0.96
C THR A 237 -4.57 -4.62 2.38
N GLY A 238 -3.66 -5.52 2.73
CA GLY A 238 -3.66 -6.06 4.08
C GLY A 238 -3.40 -4.98 5.12
N SER A 239 -2.37 -4.17 4.91
CA SER A 239 -2.05 -3.09 5.83
C SER A 239 -3.12 -2.02 5.87
N PHE A 240 -3.66 -1.60 4.72
CA PHE A 240 -4.70 -0.59 4.78
C PHE A 240 -5.92 -1.10 5.55
N LEU A 241 -6.39 -2.31 5.23
CA LEU A 241 -7.59 -2.81 5.90
C LEU A 241 -7.36 -2.91 7.40
N THR A 242 -6.19 -3.41 7.80
CA THR A 242 -5.89 -3.52 9.23
C THR A 242 -5.96 -2.17 9.90
N THR A 243 -5.30 -1.15 9.32
CA THR A 243 -5.30 0.13 10.01
C THR A 243 -6.64 0.85 9.84
N ALA A 244 -7.36 0.55 8.76
CA ALA A 244 -8.72 1.09 8.62
C ALA A 244 -9.65 0.52 9.68
N LEU A 245 -9.50 -0.77 10.01
CA LEU A 245 -10.33 -1.36 11.06
C LEU A 245 -10.06 -0.69 12.41
N ILE A 246 -8.81 -0.30 12.67
CA ILE A 246 -8.51 0.44 13.90
C ILE A 246 -9.21 1.79 13.88
N SER A 247 -9.07 2.55 12.77
CA SER A 247 -9.75 3.83 12.66
C SER A 247 -11.25 3.68 12.90
N LEU A 248 -11.83 2.60 12.39
CA LEU A 248 -13.27 2.39 12.53
C LEU A 248 -13.63 1.98 13.95
N ILE A 249 -12.85 1.08 14.56
CA ILE A 249 -13.11 0.67 15.93
C ILE A 249 -13.02 1.86 16.89
N GLN A 250 -12.10 2.78 16.62
CA GLN A 250 -11.93 3.96 17.46
C GLN A 250 -13.01 5.01 17.22
N ARG A 251 -13.96 4.75 16.33
CA ARG A 251 -15.04 5.68 16.00
C ARG A 251 -16.36 4.91 16.04
N PRO A 252 -16.85 4.58 17.24
CA PRO A 252 -18.06 3.74 17.32
C PRO A 252 -19.28 4.37 16.67
N GLN A 253 -19.37 5.71 16.63
CA GLN A 253 -20.50 6.35 15.97
C GLN A 253 -20.50 6.06 14.47
N LEU A 254 -19.32 6.10 13.85
CA LEU A 254 -19.20 5.72 12.44
C LEU A 254 -19.47 4.24 12.25
N ARG A 255 -18.90 3.39 13.12
CA ARG A 255 -19.12 1.96 13.04
C ARG A 255 -20.61 1.63 13.09
N ASN A 256 -21.33 2.22 14.06
CA ASN A 256 -22.77 1.98 14.15
C ASN A 256 -23.50 2.50 12.91
N LEU A 257 -23.07 3.65 12.39
CA LEU A 257 -23.72 4.21 11.21
C LEU A 257 -23.55 3.30 10.00
N LEU A 258 -22.31 2.86 9.74
CA LEU A 258 -22.07 1.95 8.62
C LEU A 258 -22.76 0.61 8.80
N HIS A 259 -22.90 0.15 10.05
CA HIS A 259 -23.63 -1.09 10.27
C HIS A 259 -25.10 -0.93 9.89
N GLU A 260 -25.69 0.20 10.28
CA GLU A 260 -27.11 0.46 10.02
C GLU A 260 -27.37 0.80 8.56
N LYS A 261 -26.46 1.51 7.90
CA LYS A 261 -26.64 1.95 6.52
C LYS A 261 -25.44 1.50 5.70
N PRO A 262 -25.40 0.21 5.30
CA PRO A 262 -24.19 -0.30 4.64
C PRO A 262 -23.94 0.31 3.28
N GLU A 263 -24.95 0.97 2.69
CA GLU A 263 -24.74 1.67 1.44
C GLU A 263 -23.75 2.83 1.59
N LEU A 264 -23.49 3.28 2.82
CA LEU A 264 -22.49 4.31 3.06
C LEU A 264 -21.07 3.77 3.14
N ILE A 265 -20.89 2.45 3.11
CA ILE A 265 -19.54 1.88 3.28
C ILE A 265 -18.57 2.42 2.25
N PRO A 266 -18.91 2.51 0.95
CA PRO A 266 -17.93 3.08 0.01
C PRO A 266 -17.49 4.50 0.37
N ALA A 267 -18.42 5.37 0.77
CA ALA A 267 -18.00 6.71 1.19
C ALA A 267 -17.21 6.67 2.49
N GLY A 268 -17.53 5.75 3.39
CA GLY A 268 -16.72 5.58 4.59
C GLY A 268 -15.31 5.10 4.28
N VAL A 269 -15.18 4.12 3.37
CA VAL A 269 -13.84 3.63 3.02
C VAL A 269 -13.02 4.71 2.35
N GLU A 270 -13.66 5.60 1.58
CA GLU A 270 -12.91 6.69 0.95
C GLU A 270 -12.34 7.63 2.00
N GLU A 271 -13.11 7.93 3.05
CA GLU A 271 -12.58 8.70 4.16
C GLU A 271 -11.52 7.94 4.94
N LEU A 272 -11.70 6.63 5.13
CA LEU A 272 -10.69 5.86 5.83
C LEU A 272 -9.40 5.81 5.01
N LEU A 273 -9.52 5.75 3.68
CA LEU A 273 -8.34 5.90 2.83
C LEU A 273 -7.67 7.25 3.03
N ARG A 274 -8.47 8.33 3.05
CA ARG A 274 -7.89 9.66 3.16
C ARG A 274 -7.08 9.82 4.44
N ILE A 275 -7.58 9.33 5.58
CA ILE A 275 -6.91 9.54 6.85
C ILE A 275 -5.93 8.42 7.17
N ASN A 276 -5.70 7.51 6.21
CA ASN A 276 -4.94 6.30 6.51
C ASN A 276 -3.45 6.61 6.64
N LEU A 277 -2.82 6.02 7.64
CA LEU A 277 -1.40 6.23 7.89
C LEU A 277 -0.57 5.02 7.49
N SER A 278 -1.08 4.18 6.58
CA SER A 278 -0.42 2.90 6.35
C SER A 278 0.94 3.08 5.65
N PHE A 279 1.14 4.13 4.86
CA PHE A 279 2.45 4.35 4.25
C PHE A 279 3.41 4.96 5.26
N ALA A 280 4.50 4.24 5.57
CA ALA A 280 5.36 4.64 6.67
C ALA A 280 6.35 5.73 6.29
N ASP A 281 6.70 5.85 5.01
CA ASP A 281 7.63 6.85 4.52
C ASP A 281 6.96 7.66 3.43
N GLY A 282 7.51 8.86 3.18
CA GLY A 282 7.11 9.61 2.00
C GLY A 282 7.40 8.85 0.73
N LEU A 283 6.66 9.15 -0.34
CA LEU A 283 6.95 8.54 -1.64
C LEU A 283 8.22 9.17 -2.19
N PRO A 284 9.24 8.37 -2.54
CA PRO A 284 10.52 8.94 -2.99
C PRO A 284 10.55 9.25 -4.48
N ARG A 285 11.22 10.35 -4.81
CA ARG A 285 11.47 10.79 -6.17
C ARG A 285 12.86 11.42 -6.22
N LEU A 286 13.53 11.27 -7.35
CA LEU A 286 14.83 11.92 -7.56
C LEU A 286 14.67 13.00 -8.62
N ALA A 287 15.07 14.22 -8.28
CA ALA A 287 15.02 15.31 -9.25
C ALA A 287 15.99 15.05 -10.40
N THR A 288 15.50 15.22 -11.64
CA THR A 288 16.34 15.09 -12.82
C THR A 288 16.65 16.43 -13.46
N ALA A 289 16.22 17.52 -12.82
CA ALA A 289 16.49 18.89 -13.24
C ALA A 289 16.40 19.76 -12.00
N ASP A 290 16.78 21.02 -12.14
CA ASP A 290 16.60 21.98 -11.05
C ASP A 290 15.17 22.50 -11.11
N ILE A 291 14.40 22.31 -10.03
CA ILE A 291 12.96 22.55 -10.05
C ILE A 291 12.55 23.31 -8.81
N GLN A 292 11.83 24.41 -9.00
CA GLN A 292 11.34 25.19 -7.87
C GLN A 292 10.09 24.56 -7.29
N VAL A 293 10.13 24.27 -5.98
CA VAL A 293 9.03 23.70 -5.22
C VAL A 293 8.82 24.63 -4.03
N GLY A 294 7.75 25.41 -4.04
CA GLY A 294 7.56 26.41 -3.00
C GLY A 294 8.77 27.32 -2.93
N ASP A 295 9.27 27.51 -1.70
CA ASP A 295 10.43 28.38 -1.46
C ASP A 295 11.77 27.71 -1.74
N VAL A 296 11.79 26.46 -2.19
CA VAL A 296 13.03 25.70 -2.34
C VAL A 296 13.28 25.42 -3.82
N LEU A 297 14.50 25.70 -4.27
CA LEU A 297 14.95 25.24 -5.58
C LEU A 297 15.61 23.88 -5.38
N VAL A 298 14.87 22.81 -5.71
CA VAL A 298 15.43 21.48 -5.64
C VAL A 298 16.43 21.29 -6.77
N ARG A 299 17.62 20.81 -6.43
CA ARG A 299 18.66 20.64 -7.43
C ARG A 299 18.62 19.22 -8.02
N LYS A 300 19.00 19.12 -9.29
CA LYS A 300 19.18 17.84 -9.95
C LYS A 300 19.97 16.88 -9.06
N GLY A 301 19.49 15.64 -8.94
CA GLY A 301 20.13 14.62 -8.15
C GLY A 301 19.70 14.54 -6.70
N GLU A 302 18.86 15.46 -6.22
CA GLU A 302 18.42 15.42 -4.83
C GLU A 302 17.15 14.58 -4.68
N LEU A 303 16.99 14.03 -3.48
CA LEU A 303 15.86 13.17 -3.14
C LEU A 303 14.72 13.99 -2.56
N VAL A 304 13.50 13.69 -3.01
CA VAL A 304 12.30 14.36 -2.53
C VAL A 304 11.36 13.29 -1.99
N LEU A 305 10.75 13.57 -0.84
CA LEU A 305 9.86 12.63 -0.19
C LEU A 305 8.47 13.27 -0.08
N VAL A 306 7.47 12.62 -0.68
CA VAL A 306 6.11 13.16 -0.74
C VAL A 306 5.33 12.52 0.40
N LEU A 307 5.05 13.29 1.45
CA LEU A 307 4.43 12.75 2.66
C LEU A 307 2.92 12.69 2.45
N LEU A 308 2.39 11.49 2.25
CA LEU A 308 0.97 11.36 1.89
C LEU A 308 0.06 11.93 2.97
N GLU A 309 0.36 11.68 4.24
CA GLU A 309 -0.49 12.27 5.27
C GLU A 309 -0.29 13.76 5.41
N GLY A 310 0.84 14.30 4.95
CA GLY A 310 0.92 15.75 4.80
C GLY A 310 -0.18 16.27 3.90
N ALA A 311 -0.32 15.66 2.72
CA ALA A 311 -1.36 16.13 1.80
C ALA A 311 -2.75 15.79 2.33
N ASN A 312 -2.92 14.59 2.87
CA ASN A 312 -4.27 14.12 3.16
C ASN A 312 -4.87 14.74 4.42
N PHE A 313 -4.04 15.30 5.30
CA PHE A 313 -4.53 16.03 6.46
C PHE A 313 -4.35 17.54 6.31
N ASP A 314 -4.15 18.03 5.09
CA ASP A 314 -3.96 19.47 4.85
C ASP A 314 -5.30 20.18 4.97
N PRO A 315 -5.48 21.09 5.93
CA PRO A 315 -6.81 21.69 6.13
C PRO A 315 -7.20 22.64 5.02
N GLU A 316 -6.24 23.11 4.22
CA GLU A 316 -6.59 23.97 3.09
C GLU A 316 -7.21 23.20 1.94
N HIS A 317 -7.06 21.88 1.91
CA HIS A 317 -7.76 21.03 0.93
C HIS A 317 -8.89 20.22 1.54
N PHE A 318 -8.75 19.77 2.79
CA PHE A 318 -9.75 18.94 3.45
C PHE A 318 -10.08 19.60 4.79
N PRO A 319 -11.03 20.53 4.82
CA PRO A 319 -11.33 21.23 6.09
C PRO A 319 -11.75 20.25 7.19
N ASN A 320 -11.35 20.56 8.42
CA ASN A 320 -11.44 19.65 9.54
C ASN A 320 -10.85 18.29 9.16
N PRO A 321 -9.55 18.23 8.83
CA PRO A 321 -9.00 17.04 8.17
C PRO A 321 -8.96 15.81 9.06
N GLY A 322 -8.87 15.97 10.37
CA GLY A 322 -8.89 14.80 11.25
C GLY A 322 -10.25 14.16 11.40
N SER A 323 -11.29 14.78 10.87
CA SER A 323 -12.66 14.30 11.02
C SER A 323 -13.09 13.50 9.80
N ILE A 324 -13.84 12.43 10.05
CA ILE A 324 -14.40 11.62 8.97
C ILE A 324 -15.72 12.26 8.56
N GLU A 325 -15.74 12.90 7.39
CA GLU A 325 -16.93 13.54 6.87
C GLU A 325 -17.35 12.79 5.62
N LEU A 326 -18.55 12.21 5.68
CA LEU A 326 -19.01 11.38 4.58
C LEU A 326 -19.59 12.19 3.42
N ASP A 327 -19.73 13.50 3.55
CA ASP A 327 -20.24 14.31 2.46
C ASP A 327 -19.28 15.42 2.06
N ARG A 328 -18.02 15.07 1.84
CA ARG A 328 -17.08 16.06 1.37
C ARG A 328 -17.31 16.33 -0.12
N PRO A 329 -17.03 17.55 -0.58
CA PRO A 329 -17.16 17.84 -2.03
C PRO A 329 -16.07 17.20 -2.88
N ASN A 330 -14.92 16.85 -2.30
CA ASN A 330 -13.77 16.33 -3.04
C ASN A 330 -13.31 14.99 -2.47
N PRO A 331 -14.19 13.99 -2.34
CA PRO A 331 -13.87 12.83 -1.49
C PRO A 331 -12.77 11.92 -2.01
N THR A 332 -12.60 11.77 -3.32
CA THR A 332 -11.56 10.90 -3.85
C THR A 332 -10.29 11.66 -4.20
N SER A 333 -10.24 12.96 -3.93
CA SER A 333 -9.10 13.78 -4.29
C SER A 333 -7.91 13.61 -3.35
N HIS A 334 -7.98 12.70 -2.39
CA HIS A 334 -6.84 12.37 -1.55
C HIS A 334 -5.75 11.69 -2.37
N LEU A 335 -4.59 11.51 -1.74
CA LEU A 335 -3.41 10.91 -2.36
C LEU A 335 -3.10 9.52 -1.83
N ALA A 336 -4.07 8.84 -1.23
CA ALA A 336 -3.81 7.52 -0.67
C ALA A 336 -3.33 6.54 -1.73
N PHE A 337 -3.73 6.73 -2.98
CA PHE A 337 -3.27 5.91 -4.10
C PHE A 337 -2.23 6.62 -4.96
N GLY A 338 -1.67 7.70 -4.47
CA GLY A 338 -0.72 8.46 -5.27
C GLY A 338 -1.43 9.38 -6.24
N ARG A 339 -0.71 9.76 -7.29
CA ARG A 339 -1.17 10.79 -8.21
C ARG A 339 -0.19 10.84 -9.37
N GLY A 340 -0.73 11.03 -10.58
CA GLY A 340 0.12 11.18 -11.76
C GLY A 340 0.58 9.89 -12.40
N GLN A 341 1.81 9.90 -12.93
CA GLN A 341 2.32 8.78 -13.71
C GLN A 341 2.22 7.46 -12.95
N HIS A 342 2.47 7.48 -11.64
CA HIS A 342 2.59 6.25 -10.86
C HIS A 342 1.36 5.97 -10.01
N PHE A 343 0.22 6.59 -10.34
CA PHE A 343 -1.03 6.32 -9.65
C PHE A 343 -1.32 4.82 -9.59
N CYS A 344 -1.74 4.34 -8.42
CA CYS A 344 -1.89 2.92 -8.14
C CYS A 344 -2.76 2.22 -9.17
N PRO A 345 -2.24 1.21 -9.87
CA PRO A 345 -3.08 0.46 -10.81
C PRO A 345 -4.09 -0.47 -10.15
N GLY A 346 -3.99 -0.70 -8.84
CA GLY A 346 -4.92 -1.60 -8.18
C GLY A 346 -5.93 -0.90 -7.30
N SER A 347 -6.13 0.40 -7.54
CA SER A 347 -6.93 1.19 -6.61
C SER A 347 -8.36 0.65 -6.51
N ALA A 348 -8.95 0.21 -7.63
CA ALA A 348 -10.31 -0.32 -7.56
C ALA A 348 -10.37 -1.60 -6.74
N LEU A 349 -9.40 -2.49 -6.94
CA LEU A 349 -9.35 -3.72 -6.17
C LEU A 349 -9.13 -3.44 -4.68
N GLY A 350 -8.24 -2.50 -4.37
CA GLY A 350 -8.00 -2.14 -2.98
C GLY A 350 -9.24 -1.61 -2.29
N ARG A 351 -10.00 -0.74 -2.98
CA ARG A 351 -11.24 -0.23 -2.43
C ARG A 351 -12.22 -1.36 -2.14
N ARG A 352 -12.38 -2.27 -3.09
CA ARG A 352 -13.36 -3.34 -2.94
C ARG A 352 -12.95 -4.33 -1.86
N HIS A 353 -11.66 -4.64 -1.76
CA HIS A 353 -11.16 -5.47 -0.66
C HIS A 353 -11.58 -4.90 0.69
N ALA A 354 -11.37 -3.59 0.88
CA ALA A 354 -11.67 -2.98 2.17
C ALA A 354 -13.17 -2.84 2.39
N GLN A 355 -13.91 -2.48 1.35
CA GLN A 355 -15.36 -2.34 1.47
C GLN A 355 -16.00 -3.66 1.87
N ILE A 356 -15.63 -4.73 1.17
CA ILE A 356 -16.22 -6.03 1.45
C ILE A 356 -15.73 -6.56 2.80
N GLY A 357 -14.45 -6.38 3.12
CA GLY A 357 -13.98 -6.77 4.44
C GLY A 357 -14.75 -6.09 5.57
N ILE A 358 -14.96 -4.77 5.44
CA ILE A 358 -15.66 -4.03 6.49
C ILE A 358 -17.14 -4.41 6.51
N GLU A 359 -17.75 -4.59 5.33
CA GLU A 359 -19.15 -4.98 5.27
C GLU A 359 -19.36 -6.31 5.97
N ALA A 360 -18.52 -7.30 5.68
CA ALA A 360 -18.67 -8.60 6.31
C ALA A 360 -18.44 -8.52 7.82
N LEU A 361 -17.42 -7.76 8.23
CA LEU A 361 -17.09 -7.65 9.66
C LEU A 361 -18.24 -7.04 10.44
N LEU A 362 -18.82 -5.94 9.92
CA LEU A 362 -19.88 -5.26 10.64
C LEU A 362 -21.14 -6.12 10.71
N LYS A 363 -21.38 -6.95 9.71
CA LYS A 363 -22.50 -7.87 9.76
C LYS A 363 -22.28 -8.97 10.78
N LYS A 364 -21.08 -9.55 10.80
CA LYS A 364 -20.80 -10.67 11.69
C LYS A 364 -20.51 -10.23 13.11
N MET A 365 -19.87 -9.07 13.29
CA MET A 365 -19.38 -8.61 14.58
C MET A 365 -19.76 -7.15 14.79
N PRO A 366 -21.07 -6.85 14.86
CA PRO A 366 -21.47 -5.44 15.01
C PRO A 366 -20.92 -4.78 16.25
N GLY A 367 -20.60 -5.54 17.29
CA GLY A 367 -20.10 -4.95 18.51
C GLY A 367 -18.60 -5.04 18.64
N VAL A 368 -17.90 -5.20 17.50
CA VAL A 368 -16.45 -5.32 17.52
C VAL A 368 -15.81 -4.12 18.21
N ASP A 369 -14.76 -4.40 19.00
CA ASP A 369 -14.04 -3.38 19.75
C ASP A 369 -12.67 -3.97 20.08
N LEU A 370 -11.71 -3.09 20.35
CA LEU A 370 -10.39 -3.56 20.77
C LEU A 370 -10.50 -4.34 22.08
N ALA A 371 -9.71 -5.41 22.19
CA ALA A 371 -9.67 -6.21 23.42
C ALA A 371 -8.51 -5.80 24.32
N VAL A 372 -7.67 -4.87 23.87
CA VAL A 372 -6.57 -4.31 24.65
C VAL A 372 -6.66 -2.79 24.54
N PRO A 373 -6.10 -2.06 25.50
CA PRO A 373 -5.97 -0.61 25.33
C PRO A 373 -5.18 -0.29 24.06
N ILE A 374 -5.60 0.76 23.35
CA ILE A 374 -5.05 0.99 22.01
C ILE A 374 -3.54 1.21 22.07
N ASP A 375 -3.03 1.78 23.16
CA ASP A 375 -1.58 1.97 23.24
C ASP A 375 -0.82 0.66 23.28
N GLN A 376 -1.49 -0.44 23.61
CA GLN A 376 -0.81 -1.74 23.70
C GLN A 376 -0.54 -2.36 22.34
N LEU A 377 -1.06 -1.80 21.25
CA LEU A 377 -0.72 -2.29 19.93
C LEU A 377 0.77 -2.11 19.66
N VAL A 378 1.39 -3.10 19.02
CA VAL A 378 2.82 -3.08 18.79
C VAL A 378 3.05 -2.69 17.33
N TRP A 379 3.59 -1.51 17.09
CA TRP A 379 3.70 -1.00 15.72
C TRP A 379 5.04 -1.41 15.10
N ARG A 380 4.96 -2.08 13.94
CA ARG A 380 6.14 -2.56 13.25
C ARG A 380 7.04 -1.40 12.86
N THR A 381 8.33 -1.55 13.14
CA THR A 381 9.31 -0.49 12.89
C THR A 381 10.12 -0.80 11.63
N ARG A 382 10.74 0.25 11.10
CA ARG A 382 11.64 0.18 9.93
C ARG A 382 11.01 -0.66 8.81
N PHE A 383 9.75 -0.34 8.51
CA PHE A 383 8.96 -1.06 7.53
C PHE A 383 8.33 -0.02 6.61
N GLN A 384 8.01 -0.44 5.38
CA GLN A 384 7.41 0.49 4.44
C GLN A 384 5.95 0.76 4.71
N ARG A 385 5.33 -0.02 5.60
CA ARG A 385 3.97 0.24 6.05
C ARG A 385 3.95 0.34 7.56
N ARG A 386 2.93 1.03 8.08
CA ARG A 386 2.65 1.07 9.51
C ARG A 386 1.55 0.06 9.77
N ILE A 387 1.85 -0.92 10.62
CA ILE A 387 0.87 -1.93 10.98
C ILE A 387 1.12 -2.44 12.39
N PRO A 388 0.07 -2.80 13.10
CA PRO A 388 0.23 -3.45 14.40
C PRO A 388 0.58 -4.91 14.15
N GLU A 389 1.46 -5.45 15.00
CA GLU A 389 1.86 -6.84 14.80
C GLU A 389 0.68 -7.79 15.05
N ARG A 390 -0.18 -7.46 16.01
CA ARG A 390 -1.42 -8.18 16.25
C ARG A 390 -2.52 -7.15 16.49
N LEU A 391 -3.76 -7.49 16.13
CA LEU A 391 -4.90 -6.60 16.34
C LEU A 391 -5.98 -7.33 17.14
N PRO A 392 -5.86 -7.36 18.47
CA PRO A 392 -6.77 -8.18 19.29
C PRO A 392 -8.11 -7.48 19.50
N VAL A 393 -9.19 -8.17 19.16
CA VAL A 393 -10.53 -7.59 19.28
C VAL A 393 -11.45 -8.54 20.02
N LEU A 394 -12.53 -7.98 20.53
CA LEU A 394 -13.67 -8.73 21.04
C LEU A 394 -14.93 -8.19 20.36
N TRP A 395 -16.07 -8.80 20.65
CA TRP A 395 -17.30 -8.40 19.95
C TRP A 395 -18.54 -8.79 20.73
CHA HEM B . 1.41 2.24 -6.67
CHB HEM B . -1.12 2.62 -2.53
CHC HEM B . -3.33 -1.59 -3.60
CHD HEM B . 0.06 -2.43 -6.99
C1A HEM B . 0.89 2.76 -5.49
C2A HEM B . 1.15 4.08 -4.93
C3A HEM B . 0.45 4.17 -3.78
C4A HEM B . -0.28 2.93 -3.58
CMA HEM B . 0.42 5.38 -2.82
CAA HEM B . 2.07 5.16 -5.52
CBA HEM B . 3.54 4.91 -5.20
CGA HEM B . 4.39 6.03 -5.75
O1A HEM B . 5.61 6.06 -5.44
O2A HEM B . 3.86 6.89 -6.50
C1B HEM B . -1.96 1.53 -2.47
C2B HEM B . -2.99 1.29 -1.45
C3B HEM B . -3.58 0.11 -1.75
C4B HEM B . -2.98 -0.41 -2.95
CMB HEM B . -3.26 2.25 -0.27
CAB HEM B . -4.74 -0.60 -1.03
CBB HEM B . -5.66 0.04 -0.30
C1C HEM B . -2.63 -2.19 -4.62
C2C HEM B . -2.95 -3.44 -5.29
C3C HEM B . -2.01 -3.66 -6.23
C4C HEM B . -1.06 -2.57 -6.19
CMC HEM B . -4.19 -4.30 -4.93
CAC HEM B . -1.85 -4.83 -7.23
CBC HEM B . -2.56 -5.97 -7.17
C1D HEM B . 0.72 -1.23 -7.22
C2D HEM B . 1.78 -0.99 -8.19
C3D HEM B . 2.16 0.28 -8.09
C4D HEM B . 1.34 0.92 -7.06
CMD HEM B . 2.37 -2.07 -9.13
CAD HEM B . 3.25 1.01 -8.93
CBD HEM B . 2.56 1.85 -10.01
CGD HEM B . 3.54 2.67 -10.83
O1D HEM B . 4.75 2.75 -10.46
O2D HEM B . 3.11 3.25 -11.86
NA HEM B . 0.01 2.10 -4.65
NB HEM B . -1.99 0.47 -3.35
NC HEM B . -1.49 -1.68 -5.21
ND HEM B . 0.49 -0.04 -6.55
FE HEM B . -0.90 0.30 -5.08
C13 QFD C . 6.19 0.06 -3.56
C13 QFD C . 6.20 0.17 -3.62
C15 QFD C . 9.38 -0.98 -6.78
C15 QFD C . 9.24 -1.02 -6.89
C20 QFD C . 7.43 -4.12 -4.94
C20 QFD C . 7.23 -4.09 -5.00
C21 QFD C . 8.35 -3.82 -3.95
C21 QFD C . 8.23 -3.84 -4.08
C22 QFD C . 8.98 -4.84 -3.24
C22 QFD C . 8.82 -4.88 -3.37
C26 QFD C . 7.14 -5.46 -5.23
C26 QFD C . 6.81 -5.39 -5.22
C02 QFD C . 6.90 -1.96 -8.05
C02 QFD C . 6.75 -1.98 -8.14
C04 QFD C . 8.48 -0.05 -7.61
C04 QFD C . 8.35 -0.08 -7.73
C05 QFD C . 8.04 1.13 -6.73
C05 QFD C . 7.94 1.12 -6.88
C06 QFD C . 6.94 0.74 -5.75
C06 QFD C . 6.86 0.78 -5.86
C07 QFD C . 5.62 0.75 -6.18
C07 QFD C . 5.53 0.79 -6.24
C08 QFD C . 4.60 0.40 -5.32
C08 QFD C . 4.54 0.49 -5.33
C09 QFD C . 4.88 0.05 -4.00
C09 QFD C . 4.87 0.17 -4.01
C11 QFD C . 2.61 0.35 -3.49
C11 QFD C . 2.76 0.74 -3.26
C14 QFD C . 7.22 0.40 -4.43
C14 QFD C . 7.19 0.48 -4.55
C18 QFD C . 7.63 -2.79 -6.99
C18 QFD C . 7.46 -2.80 -7.06
C19 QFD C . 6.74 -3.02 -5.75
C19 QFD C . 6.57 -2.95 -5.79
C23 QFD C . 8.69 -6.16 -3.53
C23 QFD C . 8.40 -6.19 -3.60
C25 QFD C . 7.77 -6.47 -4.53
C25 QFD C . 7.40 -6.44 -4.52
N03 QFD C . 7.35 -0.61 -8.34
N03 QFD C . 7.22 -0.65 -8.45
N17 QFD C . 8.93 -2.33 -6.50
N17 QFD C . 8.76 -2.35 -6.59
O01 QFD C . 5.99 -2.43 -8.64
O01 QFD C . 5.84 -2.44 -8.73
O10 QFD C . 3.82 -0.29 -3.15
O10 QFD C . 3.85 -0.11 -3.11
O12 QFD C . 1.50 -0.50 -3.43
O16 QFD C . 10.43 -0.60 -6.36
O16 QFD C . 10.28 -0.66 -6.47
O24 QFD C . 9.32 -7.18 -2.82
O24 QFD C . 9.00 -7.24 -2.91
#